data_3ZSC
#
_entry.id   3ZSC
#
_cell.length_a   80.602
_cell.length_b   80.602
_cell.length_c   148.819
_cell.angle_alpha   90.00
_cell.angle_beta   90.00
_cell.angle_gamma   120.00
#
_symmetry.space_group_name_H-M   'H 3'
#
loop_
_entity.id
_entity.type
_entity.pdbx_description
1 polymer 'PECTATE TRISACCHARIDE-LYASE'
2 branched '4-deoxy-beta-L-threo-hex-4-enopyranuronic acid-(1-4)-alpha-D-galactopyranuronic acid-(1-4)-alpha-D-galactopyranuronic acid'
3 non-polymer GLYCEROL
4 non-polymer 'PHOSPHATE ION'
5 water water
#
_entity_poly.entity_id   1
_entity_poly.type   'polypeptide(L)'
_entity_poly.pdbx_seq_one_letter_code
;SLNDKPVGFASVPTADLPEGTVGGLGGEIVFVRTAEELEKYTTAEGKYVIVVDGTIVFEPKREIKVLSDKTIVGINDAKI
VGGGLVIKDAQNVIIRNIHFEGFYMEDDPRGKKYDFDYINVENSHHIWIDHITFVNGNDGAVDIKKYSNYITVSWNKFVD
HDKVSLVGSSDKEDPEQAGQAYKVTYHHNYFKNLIQRMPRIRFGMAHVFNNFYSMGLRTGVSGNVFPIYGVASAMGAKVH
VEGNYFMGYGAVMAEAGIAFLPTRIMGPVEGYLTLGEGDAKNEFYYCKEPEVRPVEEGKPALDPREYYDYTLDPVQDVPK
IVVDGAGAGKLVFEELNTAQ
;
_entity_poly.pdbx_strand_id   A
#
# COMPACT_ATOMS: atom_id res chain seq x y z
N ASP A 4 -3.28 16.03 -5.96
CA ASP A 4 -4.50 16.67 -5.41
C ASP A 4 -5.78 15.77 -5.49
N LYS A 5 -5.97 15.03 -6.59
CA LYS A 5 -6.99 13.94 -6.59
C LYS A 5 -6.37 12.54 -6.80
N PRO A 6 -6.95 11.50 -6.15
CA PRO A 6 -6.41 10.17 -6.38
C PRO A 6 -6.62 9.66 -7.80
N VAL A 7 -5.77 8.74 -8.22
CA VAL A 7 -5.95 7.95 -9.43
C VAL A 7 -6.24 6.54 -8.99
N GLY A 8 -7.14 5.86 -9.69
CA GLY A 8 -7.48 4.49 -9.35
C GLY A 8 -8.74 4.32 -8.53
N PHE A 9 -8.82 3.25 -7.78
CA PHE A 9 -10.07 2.88 -7.11
C PHE A 9 -10.61 3.82 -6.06
N ALA A 10 -9.73 4.62 -5.41
CA ALA A 10 -10.18 5.61 -4.43
C ALA A 10 -11.02 6.69 -5.09
N SER A 11 -10.87 6.90 -6.41
CA SER A 11 -11.56 8.01 -7.09
C SER A 11 -12.96 7.63 -7.57
N VAL A 12 -13.31 6.35 -7.45
CA VAL A 12 -14.58 5.85 -7.99
C VAL A 12 -15.78 6.46 -7.22
N PRO A 13 -16.66 7.19 -7.95
CA PRO A 13 -17.88 7.82 -7.37
C PRO A 13 -18.88 6.83 -6.77
N THR A 14 -19.50 7.21 -5.66
CA THR A 14 -20.68 6.52 -5.10
C THR A 14 -21.78 7.57 -4.95
N ALA A 15 -22.92 7.14 -4.43
CA ALA A 15 -24.08 8.03 -4.18
C ALA A 15 -23.69 9.15 -3.25
N ASP A 16 -23.17 8.80 -2.05
CA ASP A 16 -22.78 9.86 -1.11
C ASP A 16 -21.38 10.40 -1.29
N LEU A 17 -20.55 9.77 -2.11
CA LEU A 17 -19.23 10.33 -2.44
C LEU A 17 -19.16 10.49 -3.95
N PRO A 18 -19.79 11.57 -4.46
CA PRO A 18 -19.86 11.85 -5.90
C PRO A 18 -18.51 12.11 -6.57
N GLU A 19 -17.55 12.62 -5.82
CA GLU A 19 -16.21 12.90 -6.38
C GLU A 19 -15.17 11.82 -5.96
N GLY A 20 -15.67 10.70 -5.46
CA GLY A 20 -14.81 9.68 -4.87
C GLY A 20 -14.16 10.20 -3.61
N THR A 21 -12.95 9.73 -3.31
CA THR A 21 -12.32 10.11 -2.04
C THR A 21 -11.91 11.58 -2.08
N VAL A 22 -12.34 12.33 -1.07
CA VAL A 22 -11.96 13.74 -0.93
C VAL A 22 -11.57 14.06 0.52
N GLY A 23 -11.65 13.07 1.39
CA GLY A 23 -11.22 13.27 2.76
C GLY A 23 -12.05 14.36 3.44
N GLY A 24 -11.37 15.32 4.05
CA GLY A 24 -12.07 16.31 4.86
C GLY A 24 -12.22 17.61 4.12
N LEU A 25 -12.19 17.55 2.80
CA LEU A 25 -12.37 18.73 1.97
C LEU A 25 -13.61 19.52 2.46
N GLY A 26 -13.45 20.83 2.65
CA GLY A 26 -14.58 21.66 3.10
C GLY A 26 -14.72 21.75 4.61
N GLY A 27 -14.07 20.82 5.30
CA GLY A 27 -14.12 20.73 6.75
C GLY A 27 -13.25 21.76 7.46
N GLU A 28 -13.13 21.57 8.77
CA GLU A 28 -12.37 22.48 9.61
C GLU A 28 -10.87 22.13 9.64
N ILE A 29 -10.02 23.13 9.38
CA ILE A 29 -8.57 22.97 9.43
C ILE A 29 -8.06 23.04 10.87
N VAL A 30 -7.32 22.02 11.30
CA VAL A 30 -6.68 22.05 12.61
C VAL A 30 -5.21 21.57 12.53
N PHE A 31 -4.33 22.26 13.24
CA PHE A 31 -2.91 21.86 13.36
C PHE A 31 -2.71 21.06 14.62
N VAL A 32 -2.02 19.93 14.50
CA VAL A 32 -1.79 19.06 15.66
C VAL A 32 -0.30 18.85 15.86
N ARG A 33 0.12 18.88 17.12
CA ARG A 33 1.52 18.76 17.45
C ARG A 33 1.78 17.73 18.52
N THR A 34 0.78 16.98 18.93
CA THR A 34 0.96 15.95 19.97
C THR A 34 0.09 14.79 19.58
N ALA A 35 0.35 13.61 20.16
CA ALA A 35 -0.47 12.43 19.87
C ALA A 35 -1.89 12.61 20.39
N GLU A 36 -2.00 13.27 21.54
CA GLU A 36 -3.31 13.53 22.14
C GLU A 36 -4.15 14.41 21.19
N GLU A 37 -3.54 15.48 20.67
CA GLU A 37 -4.27 16.34 19.72
C GLU A 37 -4.65 15.66 18.44
N LEU A 38 -3.72 14.87 17.89
CA LEU A 38 -4.04 14.10 16.69
C LEU A 38 -5.20 13.17 16.92
N GLU A 39 -5.15 12.40 18.03
CA GLU A 39 -6.24 11.46 18.31
C GLU A 39 -7.57 12.20 18.59
N LYS A 40 -7.50 13.39 19.20
CA LYS A 40 -8.74 14.16 19.43
C LYS A 40 -9.49 14.39 18.13
N TYR A 41 -8.75 14.81 17.10
CA TYR A 41 -9.36 15.09 15.80
C TYR A 41 -9.60 13.92 14.86
N THR A 42 -8.77 12.87 14.87
CA THR A 42 -9.05 11.71 13.98
C THR A 42 -10.28 10.94 14.46
N THR A 43 -10.53 10.97 15.78
CA THR A 43 -11.75 10.36 16.35
C THR A 43 -12.94 11.28 16.50
N ALA A 44 -12.81 12.53 16.07
CA ALA A 44 -13.94 13.46 16.03
C ALA A 44 -14.87 13.09 14.92
N GLU A 45 -16.15 13.48 15.07
CA GLU A 45 -17.18 13.29 14.05
C GLU A 45 -17.13 14.51 13.19
N GLY A 46 -17.29 14.35 11.88
CA GLY A 46 -17.32 15.51 10.96
C GLY A 46 -16.09 15.70 10.07
N LYS A 47 -16.13 16.75 9.27
CA LYS A 47 -15.07 17.02 8.32
C LYS A 47 -13.93 17.74 8.99
N TYR A 48 -12.73 17.17 8.85
CA TYR A 48 -11.53 17.81 9.37
C TYR A 48 -10.36 17.62 8.40
N VAL A 49 -9.61 18.69 8.20
CA VAL A 49 -8.31 18.65 7.57
C VAL A 49 -7.31 18.81 8.69
N ILE A 50 -6.59 17.74 8.97
CA ILE A 50 -5.77 17.64 10.15
C ILE A 50 -4.35 17.74 9.67
N VAL A 51 -3.67 18.81 10.07
CA VAL A 51 -2.34 19.11 9.53
C VAL A 51 -1.38 18.78 10.64
N VAL A 52 -0.54 17.77 10.37
CA VAL A 52 0.48 17.30 11.30
C VAL A 52 1.76 18.08 11.04
N ASP A 53 2.16 18.81 12.06
CA ASP A 53 3.26 19.71 11.95
C ASP A 53 4.40 19.12 12.72
N GLY A 54 5.34 18.48 12.03
CA GLY A 54 6.59 17.99 12.69
C GLY A 54 6.37 16.62 13.30
N THR A 55 7.18 16.30 14.29
CA THR A 55 7.24 14.95 14.86
C THR A 55 6.19 14.75 15.95
N ILE A 56 5.44 13.66 15.86
CA ILE A 56 4.51 13.27 16.90
C ILE A 56 4.88 11.88 17.36
N VAL A 57 5.29 11.77 18.63
CA VAL A 57 5.76 10.53 19.26
C VAL A 57 4.66 9.91 20.08
N PHE A 58 4.39 8.63 19.84
CA PHE A 58 3.46 7.88 20.65
C PHE A 58 4.21 7.00 21.63
N GLU A 59 4.04 7.34 22.90
CA GLU A 59 4.53 6.58 24.04
C GLU A 59 3.32 6.47 24.98
N PRO A 60 2.83 5.24 25.24
CA PRO A 60 3.35 3.98 24.70
C PRO A 60 3.03 3.88 23.21
N LYS A 61 3.66 2.94 22.52
CA LYS A 61 3.39 2.73 21.10
C LYS A 61 1.99 2.23 20.99
N ARG A 62 1.26 2.66 19.95
CA ARG A 62 -0.15 2.32 19.86
C ARG A 62 -0.78 2.78 18.56
N GLU A 63 -1.96 2.24 18.25
CA GLU A 63 -2.69 2.69 17.10
C GLU A 63 -3.90 3.54 17.55
N ILE A 64 -4.26 4.54 16.74
CA ILE A 64 -5.43 5.35 17.03
C ILE A 64 -6.42 5.23 15.88
N LYS A 65 -7.69 5.34 16.24
CA LYS A 65 -8.80 5.28 15.26
C LYS A 65 -8.92 6.56 14.48
N VAL A 66 -9.38 6.43 13.24
CA VAL A 66 -9.69 7.55 12.37
C VAL A 66 -11.12 7.33 11.84
N LEU A 67 -11.97 8.34 12.00
CA LEU A 67 -13.36 8.25 11.44
C LEU A 67 -13.46 8.83 10.05
N SER A 68 -14.68 8.83 9.49
CA SER A 68 -14.93 9.26 8.13
C SER A 68 -14.59 10.71 7.86
N ASP A 69 -14.38 11.05 6.59
CA ASP A 69 -14.26 12.46 6.16
C ASP A 69 -13.12 13.22 6.78
N LYS A 70 -11.94 12.60 6.74
CA LYS A 70 -10.75 13.19 7.31
C LYS A 70 -9.65 13.32 6.25
N THR A 71 -8.86 14.38 6.36
CA THR A 71 -7.58 14.51 5.63
C THR A 71 -6.54 14.64 6.73
N ILE A 72 -5.51 13.78 6.69
CA ILE A 72 -4.40 13.86 7.64
C ILE A 72 -3.22 14.16 6.74
N VAL A 73 -2.65 15.35 6.91
CA VAL A 73 -1.63 15.84 5.97
C VAL A 73 -0.45 16.40 6.76
N GLY A 74 0.77 16.02 6.36
CA GLY A 74 1.91 16.41 7.14
C GLY A 74 2.52 17.62 6.56
N ILE A 75 3.14 18.44 7.43
CA ILE A 75 4.03 19.51 6.99
C ILE A 75 5.29 19.51 7.84
N ASN A 76 6.29 20.23 7.39
CA ASN A 76 7.55 20.37 8.15
C ASN A 76 8.11 19.03 8.55
N ASP A 77 8.29 18.18 7.54
N ASP A 77 8.31 18.14 7.58
CA ASP A 77 8.77 16.81 7.70
CA ASP A 77 8.88 16.83 7.87
C ASP A 77 8.05 16.09 8.83
C ASP A 77 8.04 16.10 8.92
N ALA A 78 6.73 15.99 8.68
CA ALA A 78 5.83 15.36 9.65
C ALA A 78 6.24 13.91 9.88
N LYS A 79 6.29 13.47 11.13
CA LYS A 79 6.64 12.11 11.51
C LYS A 79 5.62 11.59 12.52
N ILE A 80 5.13 10.37 12.33
CA ILE A 80 4.42 9.69 13.41
C ILE A 80 5.30 8.54 13.86
N VAL A 81 5.72 8.59 15.13
CA VAL A 81 6.76 7.72 15.63
C VAL A 81 6.14 6.83 16.69
N GLY A 82 6.08 5.55 16.38
CA GLY A 82 5.57 4.53 17.28
C GLY A 82 4.07 4.61 17.31
N GLY A 83 3.44 5.13 16.25
CA GLY A 83 1.98 5.20 16.22
C GLY A 83 1.48 4.77 14.85
N GLY A 84 0.25 4.28 14.81
CA GLY A 84 -0.36 3.88 13.55
C GLY A 84 -1.81 4.34 13.54
N LEU A 85 -2.46 4.19 12.41
CA LEU A 85 -3.85 4.67 12.26
C LEU A 85 -4.73 3.49 11.89
N VAL A 86 -5.81 3.23 12.67
CA VAL A 86 -6.75 2.18 12.32
C VAL A 86 -7.97 2.91 11.74
N ILE A 87 -8.26 2.69 10.45
CA ILE A 87 -9.44 3.31 9.81
C ILE A 87 -10.52 2.24 9.75
N LYS A 88 -11.51 2.34 10.66
CA LYS A 88 -12.41 1.20 10.91
C LYS A 88 -13.88 1.59 10.74
N ASP A 89 -14.62 0.79 9.98
CA ASP A 89 -16.06 1.05 9.73
C ASP A 89 -16.24 2.48 9.28
N ALA A 90 -15.42 2.91 8.33
CA ALA A 90 -15.41 4.31 7.94
C ALA A 90 -15.24 4.49 6.45
N GLN A 91 -15.31 5.72 6.01
CA GLN A 91 -15.09 5.99 4.62
C GLN A 91 -14.52 7.36 4.46
N ASN A 92 -13.94 7.59 3.28
CA ASN A 92 -13.55 8.91 2.83
C ASN A 92 -12.43 9.52 3.67
N VAL A 93 -11.26 8.86 3.65
CA VAL A 93 -10.11 9.31 4.44
C VAL A 93 -8.89 9.44 3.51
N ILE A 94 -8.18 10.56 3.62
CA ILE A 94 -6.99 10.81 2.86
C ILE A 94 -5.84 10.99 3.87
N ILE A 95 -4.72 10.33 3.61
CA ILE A 95 -3.53 10.42 4.47
C ILE A 95 -2.35 10.72 3.54
N ARG A 96 -1.62 11.82 3.77
CA ARG A 96 -0.56 12.22 2.85
C ARG A 96 0.61 12.89 3.56
N ASN A 97 1.82 12.68 3.03
CA ASN A 97 2.99 13.48 3.40
C ASN A 97 3.41 13.39 4.85
N ILE A 98 3.41 12.18 5.36
CA ILE A 98 3.87 11.87 6.67
C ILE A 98 4.88 10.71 6.57
N HIS A 99 5.86 10.70 7.48
CA HIS A 99 6.88 9.65 7.59
C HIS A 99 6.52 8.81 8.81
N PHE A 100 6.17 7.54 8.60
CA PHE A 100 5.91 6.61 9.69
C PHE A 100 7.19 5.80 9.99
N GLU A 101 7.59 5.77 11.26
CA GLU A 101 8.75 5.00 11.63
C GLU A 101 8.54 4.68 13.10
N GLY A 102 9.15 3.62 13.59
CA GLY A 102 9.24 3.36 15.00
C GLY A 102 8.36 2.27 15.53
N PHE A 103 7.80 1.44 14.63
CA PHE A 103 7.05 0.28 15.06
C PHE A 103 7.91 -0.97 15.09
N TYR A 104 9.15 -0.90 14.59
CA TYR A 104 9.97 -2.08 14.65
C TYR A 104 10.16 -2.57 16.08
N MET A 105 9.94 -3.87 16.33
CA MET A 105 10.09 -4.42 17.70
C MET A 105 11.11 -5.52 17.66
N GLU A 106 12.31 -5.26 18.20
CA GLU A 106 13.44 -6.15 17.92
C GLU A 106 13.30 -7.50 18.62
N ASP A 107 12.40 -7.51 19.59
CA ASP A 107 12.07 -8.77 20.27
C ASP A 107 11.05 -9.54 19.46
N ASP A 108 10.58 -8.99 18.34
CA ASP A 108 9.59 -9.68 17.54
C ASP A 108 10.00 -9.55 16.08
N PRO A 109 11.09 -10.23 15.67
CA PRO A 109 11.62 -9.91 14.34
C PRO A 109 10.71 -10.36 13.19
N ARG A 110 9.79 -11.29 13.43
CA ARG A 110 8.86 -11.70 12.34
C ARG A 110 7.54 -10.95 12.35
N GLY A 111 7.39 -9.99 13.25
CA GLY A 111 6.20 -9.12 13.28
C GLY A 111 4.94 -9.93 13.56
N LYS A 112 5.04 -10.86 14.53
CA LYS A 112 3.93 -11.79 14.76
C LYS A 112 3.33 -11.65 16.15
N LYS A 113 3.87 -10.77 16.99
CA LYS A 113 3.37 -10.65 18.37
C LYS A 113 2.57 -9.39 18.58
N TYR A 114 3.15 -8.24 18.24
CA TYR A 114 2.57 -6.96 18.68
C TYR A 114 1.43 -6.49 17.84
N ASP A 115 1.38 -6.95 16.61
CA ASP A 115 0.35 -6.54 15.70
C ASP A 115 0.23 -5.08 15.38
N PHE A 116 1.34 -4.38 15.35
CA PHE A 116 1.30 -2.96 15.09
C PHE A 116 1.39 -2.74 13.60
N ASP A 117 0.39 -2.08 13.03
CA ASP A 117 0.39 -1.72 11.62
C ASP A 117 0.48 -0.20 11.53
N TYR A 118 1.29 0.36 10.62
CA TYR A 118 1.25 1.83 10.45
C TYR A 118 -0.12 2.32 9.97
N ILE A 119 -0.70 1.62 9.02
CA ILE A 119 -2.08 1.92 8.63
C ILE A 119 -2.82 0.59 8.52
N ASN A 120 -3.97 0.49 9.18
CA ASN A 120 -4.74 -0.74 9.27
C ASN A 120 -6.14 -0.32 8.87
N VAL A 121 -6.60 -0.75 7.69
CA VAL A 121 -7.90 -0.34 7.15
C VAL A 121 -8.85 -1.51 7.31
N GLU A 122 -9.87 -1.33 8.15
CA GLU A 122 -10.82 -2.40 8.48
C GLU A 122 -12.24 -2.01 8.13
N ASN A 123 -12.88 -2.82 7.30
CA ASN A 123 -14.27 -2.55 6.86
C ASN A 123 -14.49 -1.10 6.52
N SER A 124 -13.54 -0.56 5.74
CA SER A 124 -13.62 0.82 5.31
C SER A 124 -13.37 0.93 3.82
N HIS A 125 -13.81 2.03 3.21
CA HIS A 125 -13.72 2.18 1.75
C HIS A 125 -13.54 3.65 1.40
N HIS A 126 -13.06 3.89 0.18
CA HIS A 126 -12.64 5.22 -0.31
C HIS A 126 -11.55 5.83 0.58
N ILE A 127 -10.36 5.23 0.47
CA ILE A 127 -9.22 5.62 1.30
C ILE A 127 -8.04 5.87 0.35
N TRP A 128 -7.37 7.01 0.49
CA TRP A 128 -6.22 7.34 -0.36
C TRP A 128 -4.99 7.49 0.56
N ILE A 129 -3.96 6.72 0.26
CA ILE A 129 -2.75 6.69 1.06
C ILE A 129 -1.67 7.12 0.09
N ASP A 130 -1.14 8.32 0.25
CA ASP A 130 -0.38 8.93 -0.81
C ASP A 130 0.78 9.78 -0.30
N HIS A 131 1.93 9.67 -0.93
CA HIS A 131 3.12 10.43 -0.50
C HIS A 131 3.48 10.22 0.98
N ILE A 132 3.40 8.98 1.44
CA ILE A 132 3.78 8.58 2.78
C ILE A 132 5.09 7.83 2.66
N THR A 133 5.98 8.00 3.65
CA THR A 133 7.12 7.10 3.76
C THR A 133 6.89 6.22 4.96
N PHE A 134 7.07 4.91 4.78
CA PHE A 134 6.96 3.93 5.87
C PHE A 134 8.29 3.24 6.04
N VAL A 135 8.83 3.23 7.25
CA VAL A 135 10.14 2.61 7.48
C VAL A 135 10.00 1.52 8.55
N ASN A 136 10.44 0.32 8.19
CA ASN A 136 10.54 -0.86 9.07
C ASN A 136 9.59 -0.86 10.27
N GLY A 137 8.37 -1.28 10.03
CA GLY A 137 7.41 -1.46 11.08
C GLY A 137 7.51 -2.82 11.72
N ASN A 138 6.40 -3.20 12.36
CA ASN A 138 6.32 -4.43 13.10
C ASN A 138 5.61 -5.44 12.24
N ASP A 139 4.31 -5.27 12.10
CA ASP A 139 3.55 -6.21 11.32
C ASP A 139 3.36 -5.62 9.93
N GLY A 140 2.19 -5.08 9.62
CA GLY A 140 2.01 -4.53 8.28
C GLY A 140 2.38 -3.07 8.18
N ALA A 141 2.71 -2.62 6.96
CA ALA A 141 2.88 -1.20 6.68
C ALA A 141 1.50 -0.63 6.35
N VAL A 142 0.80 -1.24 5.38
CA VAL A 142 -0.60 -0.83 5.04
C VAL A 142 -1.40 -2.09 4.83
N ASP A 143 -2.21 -2.46 5.81
CA ASP A 143 -3.04 -3.65 5.65
C ASP A 143 -4.47 -3.19 5.43
N ILE A 144 -5.20 -4.04 4.71
CA ILE A 144 -6.51 -3.69 4.15
C ILE A 144 -7.36 -4.93 4.33
N LYS A 145 -8.30 -4.88 5.30
CA LYS A 145 -8.95 -6.07 5.84
C LYS A 145 -10.47 -5.93 6.02
N LYS A 146 -11.12 -7.08 6.24
CA LYS A 146 -12.51 -7.08 6.69
C LYS A 146 -13.36 -6.34 5.68
N TYR A 147 -13.29 -6.79 4.43
CA TYR A 147 -14.10 -6.27 3.29
C TYR A 147 -13.95 -4.78 2.97
N SER A 148 -12.78 -4.20 3.28
CA SER A 148 -12.50 -2.83 2.89
C SER A 148 -12.54 -2.72 1.37
N ASN A 149 -12.57 -1.52 0.81
CA ASN A 149 -12.76 -1.42 -0.64
C ASN A 149 -12.45 -0.02 -1.15
N TYR A 150 -12.17 0.07 -2.44
CA TYR A 150 -11.90 1.35 -3.10
C TYR A 150 -10.74 2.09 -2.47
N ILE A 151 -9.54 1.50 -2.60
CA ILE A 151 -8.32 2.07 -2.00
C ILE A 151 -7.32 2.36 -3.10
N THR A 152 -6.66 3.52 -2.98
CA THR A 152 -5.45 3.84 -3.77
C THR A 152 -4.29 4.05 -2.82
N VAL A 153 -3.21 3.36 -3.14
CA VAL A 153 -1.97 3.45 -2.38
C VAL A 153 -1.03 3.91 -3.48
N SER A 154 -0.67 5.19 -3.46
CA SER A 154 0.10 5.75 -4.54
C SER A 154 1.27 6.60 -4.04
N TRP A 155 2.37 6.63 -4.78
CA TRP A 155 3.47 7.53 -4.51
C TRP A 155 4.04 7.46 -3.10
N ASN A 156 3.93 6.31 -2.45
CA ASN A 156 4.53 6.12 -1.14
C ASN A 156 5.92 5.52 -1.32
N LYS A 157 6.72 5.62 -0.26
CA LYS A 157 8.04 5.00 -0.23
C LYS A 157 8.03 4.06 0.97
N PHE A 158 8.28 2.77 0.78
CA PHE A 158 8.23 1.79 1.83
C PHE A 158 9.69 1.31 1.92
N VAL A 159 10.26 1.30 3.12
CA VAL A 159 11.72 1.04 3.21
C VAL A 159 12.01 0.02 4.35
N ASP A 160 12.84 -1.00 4.08
CA ASP A 160 13.35 -1.87 5.18
C ASP A 160 12.27 -2.59 5.96
N HIS A 161 11.20 -2.95 5.29
CA HIS A 161 10.04 -3.50 5.97
C HIS A 161 9.72 -4.91 5.44
N ASP A 162 9.29 -5.82 6.32
CA ASP A 162 9.11 -7.20 5.93
C ASP A 162 7.75 -7.40 5.26
N LYS A 163 6.67 -7.44 6.05
CA LYS A 163 5.33 -7.75 5.51
C LYS A 163 4.60 -6.49 5.11
N VAL A 164 4.69 -6.11 3.83
CA VAL A 164 4.34 -4.76 3.44
C VAL A 164 2.80 -4.43 3.42
N SER A 165 2.04 -5.12 2.58
CA SER A 165 0.61 -4.72 2.43
C SER A 165 -0.22 -5.95 2.19
N LEU A 166 -0.99 -6.35 3.20
CA LEU A 166 -1.84 -7.49 3.07
C LEU A 166 -3.23 -7.00 2.75
N VAL A 167 -3.84 -7.55 1.69
CA VAL A 167 -5.19 -7.11 1.30
C VAL A 167 -6.11 -8.33 1.43
N GLY A 168 -6.88 -8.41 2.51
CA GLY A 168 -7.78 -9.53 2.76
C GLY A 168 -6.99 -10.42 3.65
N SER A 169 -7.40 -10.54 4.90
CA SER A 169 -6.60 -11.29 5.87
C SER A 169 -7.02 -12.75 6.11
N SER A 170 -8.05 -13.24 5.41
CA SER A 170 -8.61 -14.56 5.76
C SER A 170 -9.05 -15.31 4.53
N ASP A 171 -8.61 -16.57 4.40
CA ASP A 171 -9.12 -17.47 3.36
C ASP A 171 -10.60 -17.80 3.58
N LYS A 172 -11.08 -17.57 4.80
CA LYS A 172 -12.41 -17.99 5.20
C LYS A 172 -13.47 -16.91 5.04
N GLU A 173 -13.16 -15.79 4.39
CA GLU A 173 -14.17 -14.75 4.18
C GLU A 173 -15.15 -15.17 3.08
N ASP A 174 -16.28 -14.45 3.00
CA ASP A 174 -17.36 -14.82 2.08
C ASP A 174 -16.94 -14.69 0.62
N PRO A 175 -16.82 -15.80 -0.12
CA PRO A 175 -16.38 -15.64 -1.51
C PRO A 175 -17.09 -14.58 -2.35
N GLU A 176 -18.41 -14.47 -2.26
CA GLU A 176 -19.14 -13.45 -3.05
C GLU A 176 -18.82 -12.03 -2.61
N GLN A 177 -18.96 -11.79 -1.30
CA GLN A 177 -18.78 -10.47 -0.69
C GLN A 177 -17.33 -10.00 -0.88
N ALA A 178 -16.39 -10.88 -0.56
CA ALA A 178 -14.96 -10.55 -0.68
C ALA A 178 -14.59 -10.36 -2.14
N GLY A 179 -15.14 -11.19 -3.04
CA GLY A 179 -14.93 -11.00 -4.48
C GLY A 179 -15.36 -9.64 -5.01
N GLN A 180 -16.29 -8.99 -4.28
CA GLN A 180 -16.87 -7.68 -4.68
C GLN A 180 -16.20 -6.50 -3.95
N ALA A 181 -15.40 -6.82 -2.94
CA ALA A 181 -14.64 -5.83 -2.19
C ALA A 181 -13.13 -5.85 -2.62
N TYR A 182 -12.30 -5.21 -1.79
CA TYR A 182 -10.86 -5.24 -1.98
C TYR A 182 -10.46 -4.81 -3.36
N LYS A 183 -11.04 -3.71 -3.85
CA LYS A 183 -10.61 -3.13 -5.10
C LYS A 183 -9.55 -2.06 -4.78
N VAL A 184 -8.31 -2.32 -5.19
CA VAL A 184 -7.14 -1.54 -4.70
C VAL A 184 -6.23 -1.23 -5.89
N THR A 185 -5.71 0.00 -5.98
CA THR A 185 -4.76 0.36 -7.04
C THR A 185 -3.46 0.72 -6.32
N TYR A 186 -2.32 0.15 -6.75
CA TYR A 186 -1.01 0.48 -6.15
C TYR A 186 -0.21 1.06 -7.29
N HIS A 187 0.13 2.34 -7.24
CA HIS A 187 0.88 2.90 -8.34
C HIS A 187 1.92 3.92 -7.92
N HIS A 188 3.01 3.98 -8.69
CA HIS A 188 4.09 4.89 -8.44
C HIS A 188 4.67 4.85 -7.01
N ASN A 189 4.63 3.70 -6.37
CA ASN A 189 5.25 3.52 -5.08
C ASN A 189 6.69 3.11 -5.30
N TYR A 190 7.54 3.53 -4.36
CA TYR A 190 8.96 3.17 -4.35
C TYR A 190 9.04 2.08 -3.27
N PHE A 191 9.20 0.82 -3.68
CA PHE A 191 9.22 -0.32 -2.74
C PHE A 191 10.72 -0.61 -2.57
N LYS A 192 11.31 -0.43 -1.37
CA LYS A 192 12.77 -0.45 -1.24
C LYS A 192 13.22 -1.35 -0.12
N ASN A 193 13.96 -2.42 -0.47
CA ASN A 193 14.46 -3.39 0.50
C ASN A 193 13.33 -3.90 1.39
N LEU A 194 12.35 -4.57 0.74
CA LEU A 194 11.15 -5.07 1.40
C LEU A 194 11.09 -6.55 1.17
N ILE A 195 10.25 -7.26 1.89
CA ILE A 195 10.38 -8.71 1.84
C ILE A 195 9.24 -9.37 1.11
N GLN A 196 8.02 -8.99 1.47
CA GLN A 196 6.86 -9.66 0.87
C GLN A 196 5.59 -8.84 0.88
N ARG A 197 4.62 -9.30 0.06
CA ARG A 197 3.25 -8.73 0.05
C ARG A 197 3.22 -7.35 -0.51
N MET A 198 3.42 -7.20 -1.82
CA MET A 198 3.50 -5.87 -2.42
C MET A 198 2.57 -5.59 -3.62
N PRO A 199 1.24 -5.83 -3.47
CA PRO A 199 0.56 -6.42 -2.32
C PRO A 199 0.42 -7.96 -2.36
N ARG A 200 -0.01 -8.56 -1.24
CA ARG A 200 -0.57 -9.91 -1.28
C ARG A 200 -2.09 -9.70 -1.20
N ILE A 201 -2.86 -10.10 -2.23
CA ILE A 201 -4.32 -9.87 -2.17
C ILE A 201 -5.14 -11.15 -2.27
N ARG A 202 -6.16 -11.25 -1.42
CA ARG A 202 -7.14 -12.36 -1.45
C ARG A 202 -8.40 -11.83 -2.10
N PHE A 203 -9.07 -12.63 -2.92
CA PHE A 203 -10.46 -12.33 -3.39
C PHE A 203 -10.73 -11.18 -4.35
N GLY A 204 -10.17 -10.01 -4.07
CA GLY A 204 -10.56 -8.78 -4.73
C GLY A 204 -9.90 -8.48 -6.05
N MET A 205 -9.69 -7.19 -6.34
CA MET A 205 -9.08 -6.76 -7.61
C MET A 205 -7.95 -5.76 -7.36
N ALA A 206 -6.77 -6.05 -7.93
CA ALA A 206 -5.59 -5.21 -7.71
C ALA A 206 -4.99 -4.82 -9.03
N HIS A 207 -4.85 -3.53 -9.21
CA HIS A 207 -4.17 -2.96 -10.33
C HIS A 207 -2.84 -2.37 -9.80
N VAL A 208 -1.75 -2.96 -10.26
CA VAL A 208 -0.42 -2.66 -9.73
C VAL A 208 0.36 -2.13 -10.91
N PHE A 209 0.61 -0.84 -10.95
CA PHE A 209 1.24 -0.24 -12.13
C PHE A 209 2.25 0.81 -11.77
N ASN A 210 3.31 0.93 -12.58
CA ASN A 210 4.31 1.97 -12.49
C ASN A 210 4.96 2.11 -11.09
N ASN A 211 5.18 1.00 -10.40
CA ASN A 211 5.91 1.04 -9.15
C ASN A 211 7.34 0.63 -9.43
N PHE A 212 8.28 1.08 -8.57
CA PHE A 212 9.71 0.74 -8.68
C PHE A 212 10.04 -0.23 -7.51
N TYR A 213 10.37 -1.49 -7.82
CA TYR A 213 10.74 -2.46 -6.80
C TYR A 213 12.27 -2.56 -6.80
N SER A 214 12.91 -2.01 -5.74
CA SER A 214 14.36 -2.00 -5.59
C SER A 214 14.70 -2.91 -4.43
N MET A 215 14.87 -4.19 -4.71
CA MET A 215 14.89 -5.22 -3.69
C MET A 215 16.30 -5.58 -3.24
N GLY A 216 16.88 -4.74 -2.40
CA GLY A 216 18.15 -5.04 -1.74
C GLY A 216 17.79 -5.71 -0.44
N LEU A 217 18.82 -5.97 0.36
CA LEU A 217 18.71 -6.75 1.58
C LEU A 217 18.20 -5.86 2.73
N ARG A 218 17.55 -6.50 3.70
CA ARG A 218 17.10 -5.79 4.90
C ARG A 218 18.14 -6.13 5.94
N THR A 219 19.08 -5.23 6.21
CA THR A 219 20.18 -5.58 7.10
C THR A 219 20.01 -5.04 8.55
N GLY A 220 20.93 -5.36 9.43
CA GLY A 220 20.79 -4.90 10.80
C GLY A 220 19.83 -5.76 11.64
N VAL A 221 18.99 -6.58 11.01
CA VAL A 221 17.92 -7.33 11.69
C VAL A 221 18.04 -8.85 11.49
N SER A 222 17.44 -9.64 12.39
CA SER A 222 17.23 -11.04 12.07
C SER A 222 15.83 -11.22 11.44
N GLY A 223 15.43 -12.46 11.18
CA GLY A 223 14.18 -12.75 10.48
C GLY A 223 14.46 -12.72 9.00
N ASN A 224 13.56 -12.12 8.22
CA ASN A 224 13.72 -12.08 6.75
C ASN A 224 14.65 -10.98 6.28
N VAL A 225 15.86 -11.38 5.86
CA VAL A 225 16.86 -10.47 5.40
C VAL A 225 16.78 -10.34 3.89
N PHE A 226 16.33 -11.40 3.22
CA PHE A 226 16.25 -11.41 1.74
C PHE A 226 14.83 -11.27 1.32
N PRO A 227 14.59 -10.36 0.38
CA PRO A 227 13.29 -10.18 -0.28
C PRO A 227 12.83 -11.53 -0.87
N ILE A 228 11.55 -11.86 -0.65
CA ILE A 228 11.00 -13.15 -1.14
C ILE A 228 10.22 -12.91 -2.49
N TYR A 229 9.15 -12.11 -2.42
CA TYR A 229 8.23 -11.99 -3.61
C TYR A 229 7.52 -10.65 -3.60
N GLY A 230 7.08 -10.16 -4.77
CA GLY A 230 6.46 -8.82 -4.81
C GLY A 230 4.95 -8.95 -4.70
N VAL A 231 4.30 -9.09 -5.86
CA VAL A 231 2.81 -9.18 -5.88
C VAL A 231 2.33 -10.64 -5.74
N ALA A 232 1.35 -10.88 -4.86
CA ALA A 232 0.75 -12.22 -4.86
C ALA A 232 -0.76 -12.14 -5.00
N SER A 233 -1.33 -13.11 -5.71
CA SER A 233 -2.77 -13.17 -5.97
C SER A 233 -3.27 -14.48 -5.41
N ALA A 234 -4.17 -14.35 -4.46
CA ALA A 234 -4.69 -15.50 -3.77
C ALA A 234 -6.24 -15.49 -3.77
N MET A 235 -6.81 -16.63 -3.42
CA MET A 235 -8.26 -16.78 -3.28
C MET A 235 -9.04 -16.15 -4.44
N GLY A 236 -8.61 -16.44 -5.65
CA GLY A 236 -9.34 -16.02 -6.84
C GLY A 236 -9.31 -14.54 -7.11
N ALA A 237 -8.34 -13.81 -6.50
CA ALA A 237 -8.19 -12.40 -6.79
C ALA A 237 -7.90 -12.20 -8.27
N LYS A 238 -8.26 -11.01 -8.77
CA LYS A 238 -8.00 -10.55 -10.12
C LYS A 238 -6.98 -9.40 -10.12
N VAL A 239 -5.75 -9.71 -10.55
CA VAL A 239 -4.67 -8.75 -10.45
C VAL A 239 -4.07 -8.48 -11.80
N HIS A 240 -3.90 -7.19 -12.15
CA HIS A 240 -3.11 -6.86 -13.32
C HIS A 240 -1.86 -6.07 -12.92
N VAL A 241 -0.71 -6.51 -13.43
CA VAL A 241 0.57 -5.93 -13.07
C VAL A 241 1.26 -5.47 -14.34
N GLU A 242 1.40 -4.15 -14.51
CA GLU A 242 1.94 -3.58 -15.74
C GLU A 242 2.84 -2.37 -15.52
N GLY A 243 3.89 -2.25 -16.31
CA GLY A 243 4.69 -1.04 -16.29
C GLY A 243 5.48 -0.83 -15.00
N ASN A 244 5.78 -1.93 -14.33
CA ASN A 244 6.54 -1.90 -13.03
C ASN A 244 7.95 -2.26 -13.32
N TYR A 245 8.88 -1.68 -12.56
CA TYR A 245 10.29 -1.99 -12.80
C TYR A 245 10.79 -2.78 -11.60
N PHE A 246 11.25 -4.02 -11.79
CA PHE A 246 11.74 -4.88 -10.72
C PHE A 246 13.27 -5.06 -10.77
N MET A 247 13.96 -4.75 -9.68
CA MET A 247 15.41 -4.97 -9.60
C MET A 247 15.68 -5.82 -8.35
N GLY A 248 16.20 -7.02 -8.51
CA GLY A 248 16.48 -7.93 -7.39
C GLY A 248 17.90 -7.70 -6.88
N TYR A 249 18.46 -8.70 -6.21
CA TYR A 249 19.64 -8.49 -5.38
C TYR A 249 20.91 -9.15 -5.93
N GLY A 250 20.94 -9.41 -7.23
CA GLY A 250 22.23 -9.49 -7.89
C GLY A 250 22.59 -10.82 -8.53
N ALA A 251 23.68 -10.77 -9.29
CA ALA A 251 24.11 -11.88 -10.16
C ALA A 251 24.57 -13.12 -9.42
N VAL A 252 25.34 -12.95 -8.35
CA VAL A 252 25.84 -14.09 -7.60
C VAL A 252 24.67 -14.92 -7.07
N MET A 253 23.71 -14.26 -6.45
CA MET A 253 22.57 -14.98 -5.91
C MET A 253 21.74 -15.60 -7.03
N ALA A 254 21.47 -14.84 -8.08
CA ALA A 254 20.68 -15.37 -9.19
C ALA A 254 21.32 -16.61 -9.83
N GLU A 255 22.62 -16.58 -10.01
CA GLU A 255 23.37 -17.74 -10.51
C GLU A 255 23.35 -18.92 -9.55
N ALA A 256 23.19 -18.70 -8.24
CA ALA A 256 23.00 -19.84 -7.35
C ALA A 256 21.54 -20.24 -7.29
N GLY A 257 20.68 -19.64 -8.11
CA GLY A 257 19.27 -20.03 -8.14
C GLY A 257 18.47 -19.35 -7.06
N ILE A 258 19.03 -18.28 -6.46
CA ILE A 258 18.35 -17.51 -5.40
C ILE A 258 18.02 -16.11 -5.92
N ALA A 259 16.74 -15.78 -6.02
CA ALA A 259 16.33 -14.53 -6.65
C ALA A 259 14.88 -14.11 -6.28
N PHE A 260 14.64 -12.81 -6.22
CA PHE A 260 13.30 -12.24 -5.93
C PHE A 260 12.29 -12.81 -6.94
N LEU A 261 11.09 -13.17 -6.47
CA LEU A 261 9.95 -13.55 -7.36
C LEU A 261 8.99 -12.38 -7.59
N PRO A 262 8.96 -11.76 -8.79
CA PRO A 262 8.14 -10.56 -8.93
C PRO A 262 6.66 -10.72 -8.68
N THR A 263 6.06 -11.78 -9.22
CA THR A 263 4.62 -12.02 -9.07
C THR A 263 4.42 -13.49 -8.71
N ARG A 264 3.46 -13.76 -7.85
CA ARG A 264 3.29 -15.08 -7.27
C ARG A 264 1.80 -15.44 -7.30
N ILE A 265 1.45 -16.65 -7.75
CA ILE A 265 0.09 -17.16 -7.56
C ILE A 265 0.05 -17.98 -6.26
N MET A 266 -0.89 -17.68 -5.36
CA MET A 266 -1.01 -18.46 -4.13
C MET A 266 -2.42 -19.03 -3.99
N GLY A 267 -2.54 -20.08 -3.16
CA GLY A 267 -3.81 -20.72 -2.86
C GLY A 267 -4.37 -20.36 -1.48
N PRO A 268 -5.20 -21.25 -0.90
CA PRO A 268 -5.52 -22.61 -1.37
C PRO A 268 -6.41 -22.65 -2.59
N VAL A 269 -7.19 -21.60 -2.81
CA VAL A 269 -7.90 -21.37 -4.07
C VAL A 269 -7.06 -20.35 -4.82
N GLU A 270 -6.48 -20.77 -5.94
CA GLU A 270 -5.50 -19.93 -6.63
C GLU A 270 -6.05 -18.60 -7.12
N GLY A 271 -5.25 -17.54 -7.04
CA GLY A 271 -5.72 -16.28 -7.54
C GLY A 271 -5.38 -16.26 -9.01
N TYR A 272 -5.79 -15.18 -9.67
CA TYR A 272 -5.45 -14.87 -11.04
C TYR A 272 -4.58 -13.61 -11.07
N LEU A 273 -3.71 -13.52 -12.05
CA LEU A 273 -2.83 -12.37 -12.20
C LEU A 273 -2.28 -12.38 -13.62
N THR A 274 -2.29 -11.23 -14.27
CA THR A 274 -1.71 -11.12 -15.61
C THR A 274 -0.66 -10.03 -15.65
N LEU A 275 0.20 -10.06 -16.66
CA LEU A 275 1.17 -8.99 -16.88
C LEU A 275 0.78 -8.10 -18.04
N GLY A 276 1.17 -6.81 -17.98
CA GLY A 276 1.21 -5.97 -19.17
C GLY A 276 2.25 -6.50 -20.13
N GLU A 277 2.08 -6.16 -21.41
CA GLU A 277 3.01 -6.54 -22.45
C GLU A 277 3.13 -5.37 -23.40
N GLY A 278 4.14 -5.41 -24.26
CA GLY A 278 4.35 -4.34 -25.21
C GLY A 278 4.57 -3.03 -24.49
N ASP A 279 3.69 -2.06 -24.77
CA ASP A 279 3.84 -0.73 -24.21
C ASP A 279 3.54 -0.69 -22.70
N ALA A 280 3.01 -1.78 -22.18
CA ALA A 280 2.60 -1.84 -20.79
C ALA A 280 3.46 -2.85 -20.05
N LYS A 281 4.57 -3.27 -20.67
CA LYS A 281 5.32 -4.35 -20.09
C LYS A 281 5.98 -3.82 -18.81
N ASN A 282 6.28 -4.78 -17.95
CA ASN A 282 7.16 -4.60 -16.82
C ASN A 282 8.60 -4.88 -17.28
N GLU A 283 9.58 -4.58 -16.42
CA GLU A 283 10.98 -5.04 -16.63
C GLU A 283 11.39 -5.79 -15.40
N PHE A 284 12.20 -6.83 -15.57
CA PHE A 284 12.64 -7.64 -14.43
C PHE A 284 14.15 -7.83 -14.57
N TYR A 285 14.91 -7.53 -13.52
CA TYR A 285 16.34 -7.73 -13.52
C TYR A 285 16.68 -8.45 -12.24
N TYR A 286 17.49 -9.49 -12.36
CA TYR A 286 17.82 -10.38 -11.24
C TYR A 286 16.57 -10.91 -10.52
N CYS A 287 15.61 -11.39 -11.31
CA CYS A 287 14.42 -11.94 -10.74
C CYS A 287 14.18 -13.32 -11.29
N LYS A 288 13.47 -14.16 -10.55
CA LYS A 288 12.83 -15.35 -11.09
C LYS A 288 11.82 -14.95 -12.15
N GLU A 289 11.40 -15.92 -13.00
CA GLU A 289 10.31 -15.67 -13.94
C GLU A 289 9.00 -15.45 -13.17
N PRO A 290 8.28 -14.35 -13.48
CA PRO A 290 6.99 -14.09 -12.83
C PRO A 290 5.94 -15.21 -13.04
N GLU A 291 5.16 -15.46 -12.00
CA GLU A 291 4.06 -16.38 -12.06
C GLU A 291 2.82 -15.66 -12.58
N VAL A 292 2.09 -16.30 -13.51
CA VAL A 292 0.88 -15.72 -14.09
C VAL A 292 -0.22 -16.79 -14.14
N ARG A 293 -1.47 -16.31 -14.19
CA ARG A 293 -2.64 -17.18 -14.34
C ARG A 293 -3.86 -16.34 -14.76
N PRO A 294 -4.11 -16.29 -16.08
CA PRO A 294 -5.17 -15.44 -16.64
C PRO A 294 -6.57 -16.00 -16.31
N VAL A 295 -7.60 -15.16 -16.39
CA VAL A 295 -8.98 -15.62 -16.19
C VAL A 295 -9.36 -16.26 -17.54
N GLU A 296 -9.01 -15.56 -18.61
CA GLU A 296 -9.15 -16.06 -19.94
C GLU A 296 -7.93 -15.69 -20.78
N GLU A 297 -7.41 -16.71 -21.46
CA GLU A 297 -6.29 -16.59 -22.42
C GLU A 297 -6.29 -15.24 -23.18
N GLY A 298 -5.18 -14.51 -23.12
CA GLY A 298 -5.06 -13.23 -23.85
C GLY A 298 -5.81 -12.03 -23.28
N LYS A 299 -6.52 -12.21 -22.16
CA LYS A 299 -7.15 -11.09 -21.50
C LYS A 299 -6.49 -10.72 -20.16
N PRO A 300 -6.34 -9.42 -19.87
CA PRO A 300 -5.86 -8.99 -18.56
C PRO A 300 -6.83 -9.42 -17.48
N ALA A 301 -6.37 -10.16 -16.48
CA ALA A 301 -7.26 -10.68 -15.42
C ALA A 301 -8.15 -9.60 -14.81
N LEU A 302 -7.71 -8.36 -14.91
CA LEU A 302 -8.52 -7.22 -14.51
C LEU A 302 -8.37 -6.17 -15.58
N ASP A 303 -9.48 -5.56 -15.95
CA ASP A 303 -9.44 -4.42 -16.83
C ASP A 303 -9.79 -3.15 -16.05
N PRO A 304 -8.76 -2.46 -15.53
CA PRO A 304 -9.04 -1.27 -14.71
C PRO A 304 -9.70 -0.16 -15.53
N ARG A 305 -9.59 -0.21 -16.85
CA ARG A 305 -10.28 0.81 -17.67
C ARG A 305 -11.83 0.70 -17.58
N GLU A 306 -12.32 -0.41 -17.04
CA GLU A 306 -13.75 -0.55 -16.79
C GLU A 306 -14.19 0.22 -15.53
N TYR A 307 -13.21 0.62 -14.71
CA TYR A 307 -13.53 1.27 -13.46
C TYR A 307 -13.08 2.69 -13.37
N TYR A 308 -11.95 3.02 -14.00
CA TYR A 308 -11.39 4.35 -13.94
C TYR A 308 -10.39 4.62 -15.07
N ASP A 309 -10.09 5.89 -15.28
CA ASP A 309 -9.06 6.31 -16.24
C ASP A 309 -7.67 6.39 -15.56
N TYR A 310 -6.61 6.14 -16.34
CA TYR A 310 -5.24 6.34 -15.87
C TYR A 310 -4.34 6.35 -17.05
N THR A 311 -3.17 6.94 -16.86
CA THR A 311 -2.12 6.92 -17.88
C THR A 311 -0.90 6.16 -17.36
N LEU A 312 -0.34 5.33 -18.23
CA LEU A 312 0.73 4.45 -17.86
C LEU A 312 2.01 5.09 -18.30
N ASP A 313 2.99 5.17 -17.38
CA ASP A 313 4.28 5.74 -17.78
C ASP A 313 5.01 4.56 -18.41
N PRO A 314 5.89 4.84 -19.39
CA PRO A 314 6.74 3.78 -19.97
C PRO A 314 7.64 3.22 -18.85
N VAL A 315 7.78 1.91 -18.77
CA VAL A 315 8.42 1.29 -17.62
C VAL A 315 9.85 1.81 -17.41
N GLN A 316 10.54 2.18 -18.50
CA GLN A 316 11.92 2.59 -18.35
C GLN A 316 12.00 3.94 -17.71
N ASP A 317 10.88 4.66 -17.66
CA ASP A 317 10.89 5.96 -17.06
C ASP A 317 10.54 5.88 -15.56
N VAL A 318 10.04 4.73 -15.13
CA VAL A 318 9.43 4.56 -13.79
C VAL A 318 10.45 4.77 -12.66
N PRO A 319 11.64 4.13 -12.75
CA PRO A 319 12.58 4.42 -11.63
C PRO A 319 12.82 5.88 -11.30
N LYS A 320 13.12 6.70 -12.31
CA LYS A 320 13.42 8.10 -12.05
C LYS A 320 12.17 8.82 -11.60
N ILE A 321 11.03 8.62 -12.26
CA ILE A 321 9.80 9.29 -11.84
C ILE A 321 9.47 8.96 -10.36
N VAL A 322 9.57 7.68 -10.01
CA VAL A 322 9.23 7.23 -8.64
C VAL A 322 10.26 7.72 -7.60
N VAL A 323 11.55 7.59 -7.88
CA VAL A 323 12.56 8.11 -6.95
C VAL A 323 12.36 9.61 -6.69
N ASP A 324 12.17 10.35 -7.78
CA ASP A 324 12.05 11.79 -7.70
C ASP A 324 10.79 12.22 -6.97
N GLY A 325 9.70 11.48 -7.16
CA GLY A 325 8.37 11.92 -6.67
C GLY A 325 7.77 11.23 -5.44
N ALA A 326 8.23 10.01 -5.12
CA ALA A 326 7.55 9.15 -4.13
C ALA A 326 7.95 9.46 -2.72
N GLY A 327 7.02 9.25 -1.79
CA GLY A 327 7.34 9.37 -0.36
C GLY A 327 7.01 10.76 0.19
N ALA A 328 7.11 10.91 1.51
CA ALA A 328 6.77 12.15 2.19
C ALA A 328 7.87 13.18 1.98
N GLY A 329 7.53 14.45 2.16
CA GLY A 329 8.55 15.51 2.09
C GLY A 329 8.79 15.97 0.67
N LYS A 330 7.95 15.55 -0.26
CA LYS A 330 8.06 16.01 -1.65
C LYS A 330 6.86 16.85 -2.13
N LEU A 331 5.68 16.58 -1.57
CA LEU A 331 4.51 17.43 -1.86
C LEU A 331 4.67 18.87 -1.39
N VAL A 332 4.16 19.80 -2.18
CA VAL A 332 4.07 21.20 -1.76
C VAL A 332 2.70 21.48 -1.14
#